data_5D9I
#
_entry.id   5D9I
#
_cell.length_a   94.192
_cell.length_b   63.393
_cell.length_c   64.891
_cell.angle_alpha   90.00
_cell.angle_beta   92.42
_cell.angle_gamma   90.00
#
_symmetry.space_group_name_H-M   'C 1 2 1'
#
loop_
_entity.id
_entity.type
_entity.pdbx_description
1 polymer 'Large T antigen'
2 polymer "DNA (5'-D(*GP*AP*GP*GP*AP*GP*GP*CP*TP*TP*TP*TP*TP*TP*GP*GP*AP*GP*GP*CP*C)-3')"
3 polymer "DNA (5'-D(*AP*CP*TP*CP*CP*TP*CP*CP*GP*AP*AP*AP*AP*AP*AP*CP*CP*TP*CP*CP*GP*GP*A)-3')"
4 non-polymer 1,2-ETHANEDIOL
5 non-polymer 'CALCIUM ION'
6 non-polymer 'ACETATE ION'
7 water water
#
loop_
_entity_poly.entity_id
_entity_poly.type
_entity_poly.pdbx_seq_one_letter_code
_entity_poly.pdbx_strand_id
1 'polypeptide(L)'
;GSKVEDPKDFPSELLSFLSHAVFSNRTLACFAIYTTKEKAALLYKKIMEKYSVTFISRHNSYNHNILFFLTPHRHRVSAI
NNYAQKL(CME)TFSFLICKGVNKEYLMYSALTRDPFSVIEESLPGGLKEHDFNPESS
;
A,B
2 'polydeoxyribonucleotide'
;(DG)(DA)(DG)(DG)(DA)(DG)(DG)(DC)(DT)(DT)(DT)(DT)(DT)(DT)(DG)(DG)(DA)(DG)(DG)(DC)
(DC)
;
X
3 'polydeoxyribonucleotide'
;(DA)(DC)(DT)(DC)(DC)(DT)(DC)(DC)(DG)(DA)(DA)(DA)(DA)(DA)(DA)(DC)(DC)(DT)(DC)(DC)
(DG)(DG)(DA)
;
Y
#
# COMPACT_ATOMS: atom_id res chain seq x y z
N GLY A 1 -36.40 2.25 -1.64
CA GLY A 1 -35.74 3.14 -0.66
C GLY A 1 -34.27 2.81 -0.48
N SER A 2 -33.52 3.73 0.16
N SER A 2 -33.53 3.73 0.15
CA SER A 2 -32.11 3.62 0.21
CA SER A 2 -32.13 3.66 0.20
C SER A 2 -31.59 2.31 0.80
C SER A 2 -31.58 2.33 0.82
N LYS A 3 -32.24 1.84 1.85
CA LYS A 3 -31.77 0.58 2.52
C LYS A 3 -31.80 -0.61 1.57
N VAL A 4 -32.74 -0.62 0.66
CA VAL A 4 -32.90 -1.74 -0.30
C VAL A 4 -32.06 -1.48 -1.53
N GLU A 5 -32.03 -0.24 -1.97
CA GLU A 5 -31.41 0.10 -3.27
C GLU A 5 -29.97 0.51 -3.24
N ASP A 6 -29.49 1.10 -2.15
CA ASP A 6 -28.16 1.67 -2.18
C ASP A 6 -27.02 0.73 -1.74
N PRO A 7 -25.84 0.83 -2.38
CA PRO A 7 -24.67 0.22 -1.81
C PRO A 7 -24.35 0.83 -0.44
N LYS A 8 -23.79 -0.01 0.46
CA LYS A 8 -23.48 0.40 1.80
C LYS A 8 -21.94 0.54 1.96
N ASP A 9 -21.18 0.20 0.90
CA ASP A 9 -19.75 0.21 0.95
C ASP A 9 -19.28 0.15 -0.49
N PHE A 10 -17.97 0.35 -0.66
CA PHE A 10 -17.34 0.09 -1.98
C PHE A 10 -17.50 -1.38 -2.39
N PRO A 11 -17.34 -1.64 -3.69
CA PRO A 11 -17.33 -2.97 -4.16
C PRO A 11 -16.28 -3.78 -3.46
N SER A 12 -16.65 -5.03 -3.22
CA SER A 12 -15.83 -5.91 -2.38
CA SER A 12 -15.82 -5.92 -2.40
C SER A 12 -14.42 -6.07 -2.97
N GLU A 13 -14.30 -6.07 -4.28
CA GLU A 13 -12.99 -6.19 -4.93
C GLU A 13 -11.92 -5.14 -4.46
N LEU A 14 -12.40 -4.01 -3.92
CA LEU A 14 -11.56 -2.84 -3.58
C LEU A 14 -11.38 -2.66 -2.11
N LEU A 15 -12.09 -3.44 -1.29
CA LEU A 15 -12.12 -3.15 0.17
C LEU A 15 -10.77 -3.23 0.88
N SER A 16 -9.91 -4.13 0.42
CA SER A 16 -8.56 -4.33 1.11
C SER A 16 -7.65 -3.16 0.86
N PHE A 17 -8.02 -2.29 -0.07
CA PHE A 17 -7.21 -1.15 -0.39
C PHE A 17 -7.52 0.10 0.41
N LEU A 18 -8.61 0.03 1.18
CA LEU A 18 -9.21 1.22 1.77
C LEU A 18 -8.99 1.18 3.27
N SER A 19 -9.00 2.38 3.85
CA SER A 19 -9.20 2.58 5.28
C SER A 19 -10.68 2.59 5.59
N HIS A 20 -11.08 1.73 6.50
CA HIS A 20 -12.47 1.69 6.96
C HIS A 20 -12.71 2.51 8.19
N ALA A 21 -11.68 3.18 8.70
CA ALA A 21 -11.82 4.01 9.91
C ALA A 21 -12.21 5.40 9.45
N VAL A 22 -13.45 5.53 9.02
CA VAL A 22 -13.94 6.78 8.42
C VAL A 22 -13.95 8.02 9.36
N PHE A 23 -13.94 7.81 10.67
CA PHE A 23 -13.83 8.89 11.68
C PHE A 23 -12.42 9.18 12.21
N SER A 24 -11.40 8.60 11.58
CA SER A 24 -10.03 8.66 12.11
C SER A 24 -9.48 10.09 12.07
N ASN A 25 -8.68 10.41 13.06
CA ASN A 25 -7.82 11.64 13.04
C ASN A 25 -6.59 11.52 12.17
N ARG A 26 -6.29 10.36 11.57
CA ARG A 26 -5.02 10.24 10.86
C ARG A 26 -5.37 10.78 9.48
N THR A 27 -4.72 11.86 9.07
CA THR A 27 -5.04 12.53 7.79
C THR A 27 -4.38 11.72 6.67
N LEU A 28 -4.81 11.96 5.45
CA LEU A 28 -4.39 11.23 4.28
C LEU A 28 -4.36 12.15 3.10
N ALA A 29 -3.83 11.68 1.98
CA ALA A 29 -3.79 12.47 0.79
C ALA A 29 -4.22 11.64 -0.38
N CYS A 30 -5.00 10.57 -0.14
CA CYS A 30 -5.50 9.76 -1.22
C CYS A 30 -6.90 9.28 -0.75
N PHE A 31 -7.91 9.53 -1.57
CA PHE A 31 -9.30 9.24 -1.22
C PHE A 31 -10.03 8.65 -2.39
N ALA A 32 -11.12 7.96 -2.11
CA ALA A 32 -11.99 7.45 -3.12
C ALA A 32 -13.45 7.77 -2.72
N ILE A 33 -14.25 8.02 -3.74
CA ILE A 33 -15.70 8.26 -3.60
C ILE A 33 -16.47 7.31 -4.51
N TYR A 34 -17.44 6.61 -3.90
CA TYR A 34 -18.35 5.76 -4.64
C TYR A 34 -19.73 6.34 -4.62
N THR A 35 -20.23 6.58 -5.78
CA THR A 35 -21.56 7.24 -5.92
C THR A 35 -22.18 6.98 -7.27
N THR A 36 -23.31 7.66 -7.56
CA THR A 36 -23.92 7.52 -8.84
C THR A 36 -23.13 8.18 -9.96
N LYS A 37 -23.42 7.78 -11.17
CA LYS A 37 -22.76 8.36 -12.30
C LYS A 37 -23.01 9.88 -12.47
N GLU A 38 -24.27 10.28 -12.30
CA GLU A 38 -24.71 11.67 -12.33
C GLU A 38 -23.91 12.52 -11.36
N LYS A 39 -23.79 12.02 -10.15
CA LYS A 39 -23.12 12.75 -9.10
C LYS A 39 -21.60 12.78 -9.34
N ALA A 40 -21.04 11.63 -9.69
CA ALA A 40 -19.58 11.52 -9.90
C ALA A 40 -19.09 12.48 -11.02
N ALA A 41 -19.88 12.67 -12.07
CA ALA A 41 -19.51 13.51 -13.20
C ALA A 41 -19.40 14.96 -12.74
N LEU A 42 -20.34 15.37 -11.90
CA LEU A 42 -20.29 16.75 -11.32
C LEU A 42 -19.16 16.91 -10.29
N LEU A 43 -19.02 15.92 -9.43
CA LEU A 43 -18.05 15.95 -8.34
C LEU A 43 -16.62 15.98 -8.81
N TYR A 44 -16.35 15.38 -9.98
CA TYR A 44 -15.04 15.35 -10.56
C TYR A 44 -14.45 16.75 -10.63
N LYS A 45 -15.19 17.67 -11.23
CA LYS A 45 -14.71 19.04 -11.31
C LYS A 45 -14.64 19.78 -9.97
N LYS A 46 -15.65 19.57 -9.15
CA LYS A 46 -15.75 20.22 -7.84
C LYS A 46 -14.63 19.82 -6.90
N ILE A 47 -14.42 18.53 -6.80
CA ILE A 47 -13.25 18.00 -6.02
C ILE A 47 -11.94 18.59 -6.53
N MET A 48 -11.71 18.50 -7.84
CA MET A 48 -10.54 19.01 -8.44
C MET A 48 -10.28 20.46 -7.98
N GLU A 49 -11.28 21.35 -8.03
CA GLU A 49 -11.18 22.73 -7.58
C GLU A 49 -11.06 22.89 -6.06
N LYS A 50 -11.87 22.17 -5.30
CA LYS A 50 -11.94 22.43 -3.85
C LYS A 50 -10.55 22.04 -3.25
N TYR A 51 -10.04 20.93 -3.72
CA TYR A 51 -8.86 20.27 -3.09
C TYR A 51 -7.58 20.47 -3.92
N SER A 52 -7.64 21.28 -4.97
CA SER A 52 -6.43 21.52 -5.84
C SER A 52 -5.65 20.21 -6.07
N VAL A 53 -6.36 19.15 -6.46
CA VAL A 53 -5.79 17.82 -6.53
C VAL A 53 -4.55 17.73 -7.41
N THR A 54 -3.58 16.91 -6.93
CA THR A 54 -2.53 16.56 -7.82
C THR A 54 -2.99 15.70 -9.00
N PHE A 55 -3.98 14.84 -8.76
CA PHE A 55 -4.44 13.95 -9.77
C PHE A 55 -5.89 13.49 -9.38
N ILE A 56 -6.73 13.36 -10.37
CA ILE A 56 -8.13 12.78 -10.17
C ILE A 56 -8.50 11.93 -11.37
N SER A 57 -9.26 10.83 -11.12
CA SER A 57 -9.70 9.98 -12.18
C SER A 57 -11.12 9.53 -11.79
N ARG A 58 -11.94 9.40 -12.82
CA ARG A 58 -13.34 8.92 -12.68
C ARG A 58 -13.46 7.61 -13.41
N HIS A 59 -14.11 6.63 -12.77
CA HIS A 59 -14.09 5.26 -13.24
C HIS A 59 -15.52 4.69 -13.24
N ASN A 60 -15.83 3.94 -14.29
N ASN A 60 -15.84 3.94 -14.29
CA ASN A 60 -17.02 3.10 -14.32
CA ASN A 60 -17.07 3.13 -14.30
C ASN A 60 -16.98 1.95 -13.32
C ASN A 60 -16.99 1.94 -13.35
N SER A 61 -18.10 1.69 -12.65
CA SER A 61 -18.23 0.59 -11.69
C SER A 61 -19.66 0.09 -11.88
N TYR A 62 -19.84 -0.75 -12.91
CA TYR A 62 -21.13 -1.32 -13.31
C TYR A 62 -22.06 -0.11 -13.58
N ASN A 63 -23.21 -0.04 -12.93
CA ASN A 63 -24.13 1.13 -13.07
C ASN A 63 -23.62 2.44 -12.42
N HIS A 64 -22.63 2.38 -11.54
CA HIS A 64 -22.24 3.50 -10.75
C HIS A 64 -20.83 3.96 -11.16
N ASN A 65 -20.31 4.92 -10.42
CA ASN A 65 -18.94 5.43 -10.68
C ASN A 65 -18.10 5.49 -9.43
N ILE A 66 -16.75 5.52 -9.59
CA ILE A 66 -15.87 5.76 -8.50
C ILE A 66 -14.89 6.90 -8.91
N LEU A 67 -14.66 7.79 -8.00
CA LEU A 67 -13.61 8.81 -8.12
C LEU A 67 -12.42 8.36 -7.28
N PHE A 68 -11.23 8.62 -7.79
CA PHE A 68 -9.98 8.33 -7.12
C PHE A 68 -9.21 9.64 -7.21
N PHE A 69 -8.71 10.18 -6.10
CA PHE A 69 -7.92 11.44 -6.13
C PHE A 69 -6.82 11.50 -5.09
N LEU A 70 -5.79 12.28 -5.45
CA LEU A 70 -4.64 12.56 -4.69
C LEU A 70 -4.52 14.04 -4.42
N THR A 71 -4.30 14.43 -3.15
CA THR A 71 -4.25 15.84 -2.81
C THR A 71 -2.83 16.29 -2.46
N PRO A 72 -2.52 17.59 -2.69
CA PRO A 72 -1.21 18.10 -2.42
C PRO A 72 -0.84 18.26 -0.95
N HIS A 73 -1.86 18.45 -0.09
N HIS A 73 -1.79 18.40 -0.05
CA HIS A 73 -1.78 18.45 1.36
CA HIS A 73 -1.44 18.22 1.36
C HIS A 73 -2.77 17.39 1.97
C HIS A 73 -2.59 17.36 1.93
N ARG A 74 -2.59 17.06 3.22
CA ARG A 74 -3.42 16.00 3.82
C ARG A 74 -4.71 16.55 4.41
N HIS A 75 -5.74 15.69 4.43
CA HIS A 75 -7.06 15.96 5.00
C HIS A 75 -7.60 14.77 5.78
N ARG A 76 -8.47 15.04 6.77
CA ARG A 76 -9.28 14.01 7.35
C ARG A 76 -10.30 13.51 6.37
N VAL A 77 -10.54 12.21 6.45
CA VAL A 77 -11.56 11.63 5.63
C VAL A 77 -12.94 12.27 5.89
N SER A 78 -13.26 12.63 7.15
CA SER A 78 -14.55 13.18 7.48
C SER A 78 -14.75 14.57 6.83
N ALA A 79 -13.66 15.31 6.63
CA ALA A 79 -13.69 16.56 5.94
C ALA A 79 -14.04 16.39 4.48
N ILE A 80 -13.43 15.43 3.84
CA ILE A 80 -13.67 15.21 2.42
C ILE A 80 -15.14 14.76 2.28
N ASN A 81 -15.52 13.84 3.16
CA ASN A 81 -16.89 13.31 3.11
C ASN A 81 -17.92 14.41 3.32
N ASN A 82 -17.71 15.21 4.36
CA ASN A 82 -18.65 16.27 4.62
C ASN A 82 -18.84 17.20 3.44
N TYR A 83 -17.75 17.58 2.78
CA TYR A 83 -17.82 18.46 1.59
C TYR A 83 -18.66 17.78 0.52
N ALA A 84 -18.34 16.53 0.26
CA ALA A 84 -19.01 15.79 -0.83
C ALA A 84 -20.48 15.55 -0.56
N GLN A 85 -20.85 15.22 0.67
CA GLN A 85 -22.24 14.90 1.00
C GLN A 85 -23.10 16.14 0.91
N LYS A 86 -22.57 17.29 1.34
CA LYS A 86 -23.42 18.49 1.40
C LYS A 86 -23.67 19.10 0.02
N LEU A 87 -22.87 18.76 -0.99
CA LEU A 87 -23.07 19.38 -2.31
C LEU A 87 -24.39 19.02 -2.97
N THR A 89 -27.82 16.64 -2.17
CA THR A 89 -28.48 15.94 -1.11
C THR A 89 -29.43 14.85 -1.57
N PHE A 90 -29.09 14.16 -2.64
CA PHE A 90 -29.87 12.97 -3.09
C PHE A 90 -28.89 11.84 -3.37
N SER A 91 -29.37 10.61 -3.23
CA SER A 91 -28.63 9.41 -3.54
C SER A 91 -27.44 9.12 -2.65
N PHE A 92 -26.90 7.93 -2.83
CA PHE A 92 -25.84 7.47 -1.99
C PHE A 92 -24.52 8.14 -2.31
N LEU A 93 -23.63 8.04 -1.36
CA LEU A 93 -22.26 8.47 -1.51
C LEU A 93 -21.43 7.84 -0.42
N ILE A 94 -20.43 7.11 -0.85
CA ILE A 94 -19.49 6.46 0.11
C ILE A 94 -18.10 7.14 -0.13
N CYS A 95 -17.52 7.67 0.92
CA CYS A 95 -16.17 8.26 0.89
C CYS A 95 -15.22 7.60 1.89
N LYS A 96 -14.07 7.18 1.38
CA LYS A 96 -13.07 6.48 2.23
C LYS A 96 -11.66 6.91 1.82
N GLY A 97 -10.82 6.93 2.81
CA GLY A 97 -9.40 7.05 2.57
C GLY A 97 -8.80 5.79 1.94
N VAL A 98 -7.77 5.97 1.13
CA VAL A 98 -7.13 4.87 0.38
C VAL A 98 -5.79 4.63 1.00
N ASN A 99 -5.60 3.42 1.49
CA ASN A 99 -4.25 3.00 2.04
C ASN A 99 -3.34 2.47 0.95
N LYS A 100 -3.85 1.79 -0.06
CA LYS A 100 -2.99 1.12 -1.10
C LYS A 100 -3.27 1.87 -2.34
N GLU A 101 -2.55 3.00 -2.52
CA GLU A 101 -2.97 4.02 -3.47
C GLU A 101 -2.77 3.46 -4.92
N TYR A 102 -1.62 2.87 -5.15
CA TYR A 102 -1.32 2.31 -6.49
C TYR A 102 -2.30 1.14 -6.79
N LEU A 103 -2.40 0.20 -5.89
CA LEU A 103 -3.25 -0.96 -6.15
C LEU A 103 -4.68 -0.54 -6.44
N MET A 104 -5.16 0.43 -5.66
CA MET A 104 -6.51 1.03 -5.93
C MET A 104 -6.68 1.55 -7.31
N TYR A 105 -5.85 2.54 -7.68
CA TYR A 105 -5.93 3.14 -9.02
C TYR A 105 -5.78 2.09 -10.12
N SER A 106 -4.86 1.16 -9.92
CA SER A 106 -4.57 0.20 -10.94
C SER A 106 -5.79 -0.73 -11.14
N ALA A 107 -6.38 -1.20 -10.05
CA ALA A 107 -7.57 -2.06 -10.14
C ALA A 107 -8.71 -1.32 -10.81
N LEU A 108 -8.79 -0.02 -10.59
CA LEU A 108 -9.86 0.87 -11.20
C LEU A 108 -9.73 1.06 -12.68
N THR A 109 -8.59 0.71 -13.23
CA THR A 109 -8.33 0.62 -14.67
C THR A 109 -8.63 -0.61 -15.38
N ARG A 110 -9.03 -1.69 -14.67
CA ARG A 110 -9.20 -3.00 -15.29
C ARG A 110 -10.53 -3.59 -14.92
N ASP A 111 -11.01 -4.48 -15.78
N ASP A 111 -11.00 -4.46 -15.78
CA ASP A 111 -12.24 -5.26 -15.53
CA ASP A 111 -12.21 -5.24 -15.52
C ASP A 111 -12.38 -5.62 -14.04
C ASP A 111 -12.37 -5.62 -14.03
N PRO A 112 -13.55 -5.38 -13.45
CA PRO A 112 -14.78 -4.88 -14.04
C PRO A 112 -14.83 -3.34 -14.18
N PHE A 113 -13.74 -2.66 -13.84
CA PHE A 113 -13.69 -1.21 -13.83
C PHE A 113 -13.03 -0.70 -15.08
N SER A 114 -13.21 0.60 -15.32
CA SER A 114 -12.51 1.26 -16.41
C SER A 114 -12.42 2.75 -16.18
N VAL A 115 -11.44 3.38 -16.83
CA VAL A 115 -11.29 4.84 -16.75
C VAL A 115 -12.29 5.54 -17.63
N ILE A 116 -13.02 6.49 -17.08
CA ILE A 116 -13.90 7.35 -17.90
C ILE A 116 -13.11 8.61 -18.30
N GLU A 117 -12.54 9.28 -17.32
CA GLU A 117 -11.73 10.48 -17.59
C GLU A 117 -10.74 10.62 -16.49
N GLU A 118 -9.61 11.24 -16.76
CA GLU A 118 -8.61 11.50 -15.70
C GLU A 118 -7.85 12.79 -16.03
N SER A 119 -7.27 13.35 -14.97
CA SER A 119 -6.70 14.75 -15.09
C SER A 119 -5.32 14.86 -15.74
N LEU A 120 -4.61 13.73 -15.88
CA LEU A 120 -3.35 13.61 -16.67
C LEU A 120 -3.44 12.66 -17.85
N PRO A 121 -3.07 13.12 -19.06
CA PRO A 121 -3.11 12.20 -20.21
C PRO A 121 -2.20 11.00 -19.98
N GLY A 122 -2.73 9.80 -20.18
CA GLY A 122 -1.97 8.55 -19.97
C GLY A 122 -2.10 8.06 -18.55
N GLY A 123 -2.62 8.88 -17.66
CA GLY A 123 -2.87 8.42 -16.30
C GLY A 123 -1.59 8.14 -15.55
N LEU A 124 -1.69 7.20 -14.63
CA LEU A 124 -0.59 6.86 -13.74
C LEU A 124 -0.10 5.45 -13.95
N LYS A 125 1.12 5.21 -13.50
CA LYS A 125 1.76 3.91 -13.54
C LYS A 125 2.46 3.63 -12.20
N GLU A 126 2.84 2.37 -11.97
CA GLU A 126 3.51 2.01 -10.74
C GLU A 126 4.71 2.92 -10.43
N HIS A 127 5.46 3.25 -11.45
CA HIS A 127 6.61 4.16 -11.30
C HIS A 127 6.26 5.45 -10.54
N ASP A 128 5.02 5.99 -10.80
CA ASP A 128 4.64 7.28 -10.23
C ASP A 128 4.40 7.20 -8.73
N PHE A 129 4.23 5.98 -8.23
CA PHE A 129 4.02 5.76 -6.76
C PHE A 129 5.34 5.31 -6.04
N ASN A 130 6.42 5.34 -6.77
CA ASN A 130 7.76 5.20 -6.21
C ASN A 130 8.34 6.60 -5.98
N PRO A 131 9.30 6.73 -5.06
CA PRO A 131 9.98 8.02 -4.85
C PRO A 131 10.56 8.54 -6.16
N GLU A 132 10.48 9.85 -6.36
CA GLU A 132 11.11 10.44 -7.50
C GLU A 132 12.60 10.18 -7.37
N SER A 133 13.25 9.83 -8.47
CA SER A 133 14.70 9.48 -8.38
C SER A 133 15.54 10.74 -8.51
N GLY B 1 34.04 0.93 13.00
CA GLY B 1 32.97 0.60 13.95
C GLY B 1 31.61 0.83 13.39
N SER B 2 30.57 0.33 14.07
N SER B 2 30.57 0.31 14.07
CA SER B 2 29.24 0.33 13.51
CA SER B 2 29.24 0.32 13.55
C SER B 2 28.70 1.70 13.10
C SER B 2 28.70 1.70 13.11
N LYS B 3 28.97 2.71 13.91
CA LYS B 3 28.45 4.07 13.63
C LYS B 3 28.97 4.59 12.31
N VAL B 4 30.21 4.26 11.98
CA VAL B 4 30.84 4.69 10.72
C VAL B 4 30.47 3.79 9.57
N GLU B 5 30.42 2.49 9.83
CA GLU B 5 30.26 1.49 8.74
C GLU B 5 28.89 1.00 8.42
N ASP B 6 27.98 1.02 9.39
CA ASP B 6 26.69 0.36 9.16
C ASP B 6 25.61 1.29 8.60
N PRO B 7 24.77 0.78 7.67
CA PRO B 7 23.52 1.46 7.41
C PRO B 7 22.67 1.65 8.66
N LYS B 8 21.91 2.74 8.70
CA LYS B 8 21.09 3.06 9.86
C LYS B 8 19.57 2.88 9.53
N ASP B 9 19.27 2.55 8.28
CA ASP B 9 17.95 2.47 7.77
C ASP B 9 18.02 1.69 6.44
N PHE B 10 16.82 1.34 5.94
CA PHE B 10 16.72 0.87 4.57
C PHE B 10 17.16 1.90 3.55
N PRO B 11 17.47 1.43 2.33
CA PRO B 11 17.78 2.31 1.28
C PRO B 11 16.65 3.25 0.99
N SER B 12 17.02 4.48 0.65
CA SER B 12 16.04 5.56 0.55
CA SER B 12 16.05 5.57 0.53
C SER B 12 14.95 5.27 -0.46
N GLU B 13 15.27 4.56 -1.52
CA GLU B 13 14.29 4.18 -2.51
C GLU B 13 13.03 3.40 -1.95
N LEU B 14 13.16 2.80 -0.79
CA LEU B 14 12.18 1.93 -0.19
C LEU B 14 11.45 2.55 1.01
N LEU B 15 11.93 3.67 1.51
CA LEU B 15 11.44 4.20 2.80
C LEU B 15 9.92 4.52 2.80
N SER B 16 9.38 4.92 1.67
CA SER B 16 7.94 5.34 1.63
C SER B 16 7.02 4.14 1.73
N PHE B 17 7.60 2.95 1.61
CA PHE B 17 6.80 1.74 1.69
C PHE B 17 6.70 1.12 3.07
N LEU B 18 7.45 1.67 4.00
CA LEU B 18 7.66 1.09 5.27
C LEU B 18 7.04 1.92 6.38
N SER B 19 6.73 1.23 7.46
CA SER B 19 6.45 1.87 8.74
C SER B 19 7.71 2.13 9.50
N HIS B 20 7.92 3.40 9.91
CA HIS B 20 9.02 3.80 10.73
C HIS B 20 8.75 3.72 12.24
N ALA B 21 7.56 3.33 12.64
CA ALA B 21 7.20 3.31 14.09
C ALA B 21 7.53 1.91 14.61
N VAL B 22 8.82 1.64 14.72
CA VAL B 22 9.33 0.29 15.06
C VAL B 22 8.94 -0.23 16.45
N PHE B 23 8.60 0.66 17.40
CA PHE B 23 8.12 0.24 18.74
C PHE B 23 6.58 0.17 18.89
N SER B 24 5.86 0.30 17.79
CA SER B 24 4.41 0.44 17.82
C SER B 24 3.76 -0.87 18.28
N ASN B 25 2.64 -0.73 18.99
CA ASN B 25 1.78 -1.90 19.30
C ASN B 25 0.95 -2.36 18.08
N ARG B 26 1.09 -1.76 16.89
CA ARG B 26 0.26 -2.18 15.76
C ARG B 26 0.75 -3.46 15.09
N THR B 27 -0.10 -4.48 14.97
CA THR B 27 0.43 -5.68 14.37
C THR B 27 0.26 -5.67 12.87
N LEU B 28 1.09 -6.45 12.21
CA LEU B 28 1.20 -6.48 10.76
C LEU B 28 1.49 -7.88 10.30
N ALA B 29 1.45 -8.11 9.02
CA ALA B 29 1.76 -9.46 8.49
C ALA B 29 2.67 -9.35 7.31
N CYS B 30 3.41 -8.24 7.19
CA CYS B 30 4.35 -8.09 6.10
C CYS B 30 5.52 -7.30 6.67
N PHE B 31 6.71 -7.83 6.53
CA PHE B 31 7.92 -7.27 7.15
C PHE B 31 9.11 -7.34 6.19
N ALA B 32 10.09 -6.46 6.42
CA ALA B 32 11.32 -6.47 5.69
C ALA B 32 12.50 -6.37 6.69
N ILE B 33 13.56 -7.04 6.32
CA ILE B 33 14.84 -7.07 7.06
CA ILE B 33 14.84 -7.06 7.06
C ILE B 33 15.98 -6.65 6.15
N TYR B 34 16.76 -5.63 6.59
CA TYR B 34 17.92 -5.21 5.90
C TYR B 34 19.13 -5.58 6.74
N THR B 35 19.95 -6.37 6.13
CA THR B 35 21.20 -6.91 6.83
C THR B 35 22.27 -7.36 5.86
N THR B 36 23.35 -7.97 6.39
CA THR B 36 24.40 -8.47 5.55
C THR B 36 24.01 -9.66 4.77
N LYS B 37 24.71 -9.91 3.69
CA LYS B 37 24.41 -11.06 2.88
C LYS B 37 24.53 -12.40 3.65
N GLU B 38 25.58 -12.57 4.43
CA GLU B 38 25.74 -13.84 5.17
C GLU B 38 24.65 -14.03 6.23
N LYS B 39 24.21 -12.95 6.88
CA LYS B 39 23.11 -13.06 7.83
C LYS B 39 21.76 -13.30 7.12
N ALA B 40 21.48 -12.56 6.04
CA ALA B 40 20.27 -12.78 5.31
C ALA B 40 20.13 -14.24 4.79
N ALA B 41 21.21 -14.86 4.37
CA ALA B 41 21.15 -16.22 3.78
C ALA B 41 20.71 -17.18 4.87
N LEU B 42 21.24 -16.99 6.08
CA LEU B 42 20.83 -17.87 7.22
C LEU B 42 19.40 -17.55 7.73
N LEU B 43 19.07 -16.26 7.80
CA LEU B 43 17.78 -15.83 8.30
C LEU B 43 16.64 -16.23 7.44
N TYR B 44 16.89 -16.40 6.14
CA TYR B 44 15.88 -16.79 5.18
C TYR B 44 15.19 -18.09 5.65
N LYS B 45 15.98 -19.09 5.98
CA LYS B 45 15.43 -20.32 6.45
C LYS B 45 14.81 -20.24 7.86
N LYS B 46 15.49 -19.53 8.76
CA LYS B 46 15.07 -19.38 10.15
C LYS B 46 13.74 -18.68 10.27
N ILE B 47 13.62 -17.56 9.56
CA ILE B 47 12.32 -16.84 9.49
C ILE B 47 11.25 -17.76 8.97
N MET B 48 11.52 -18.40 7.83
CA MET B 48 10.54 -19.25 7.22
C MET B 48 10.00 -20.25 8.22
N GLU B 49 10.87 -20.89 9.03
CA GLU B 49 10.48 -21.86 10.04
C GLU B 49 9.81 -21.22 11.27
N LYS B 50 10.38 -20.13 11.76
CA LYS B 50 9.88 -19.54 13.03
C LYS B 50 8.44 -19.00 12.81
N TYR B 51 8.24 -18.38 11.67
CA TYR B 51 6.97 -17.67 11.38
C TYR B 51 6.05 -18.38 10.40
N SER B 52 6.40 -19.60 10.01
N SER B 52 6.44 -19.57 9.94
CA SER B 52 5.60 -20.36 9.03
CA SER B 52 5.59 -20.33 9.03
C SER B 52 5.05 -19.44 7.90
C SER B 52 5.06 -19.43 7.89
N VAL B 53 5.97 -18.70 7.29
CA VAL B 53 5.61 -17.68 6.31
C VAL B 53 4.76 -18.19 5.12
N THR B 54 3.83 -17.30 4.68
CA THR B 54 3.13 -17.61 3.47
C THR B 54 4.06 -17.41 2.25
N PHE B 55 5.02 -16.50 2.37
CA PHE B 55 5.95 -16.22 1.32
C PHE B 55 7.20 -15.52 1.90
N ILE B 56 8.35 -15.80 1.33
CA ILE B 56 9.64 -15.07 1.68
C ILE B 56 10.52 -15.00 0.45
N SER B 57 11.25 -13.86 0.33
CA SER B 57 12.12 -13.64 -0.79
C SER B 57 13.37 -12.88 -0.23
N ARG B 58 14.49 -13.20 -0.81
CA ARG B 58 15.78 -12.60 -0.46
C ARG B 58 16.25 -11.90 -1.66
N HIS B 59 16.74 -10.64 -1.44
CA HIS B 59 17.06 -9.73 -2.50
C HIS B 59 18.44 -9.10 -2.33
N ASN B 60 19.17 -9.00 -3.42
N ASN B 60 19.13 -8.93 -3.45
CA ASN B 60 20.41 -8.19 -3.40
CA ASN B 60 20.34 -8.09 -3.53
C ASN B 60 20.10 -6.69 -3.29
C ASN B 60 20.07 -6.62 -3.31
N SER B 61 20.87 -5.99 -2.47
CA SER B 61 20.76 -4.53 -2.27
C SER B 61 22.18 -4.01 -2.13
N TYR B 62 22.78 -3.73 -3.29
CA TYR B 62 24.20 -3.30 -3.42
C TYR B 62 25.04 -4.39 -2.70
N ASN B 63 25.86 -4.01 -1.73
CA ASN B 63 26.65 -5.05 -0.99
C ASN B 63 25.84 -5.96 -0.03
N HIS B 64 24.61 -5.58 0.30
CA HIS B 64 23.92 -6.19 1.38
C HIS B 64 22.68 -6.89 0.81
N ASN B 65 21.86 -7.40 1.70
CA ASN B 65 20.61 -8.10 1.30
C ASN B 65 19.38 -7.57 2.01
N ILE B 66 18.19 -7.79 1.40
CA ILE B 66 16.94 -7.55 2.02
C ILE B 66 16.03 -8.80 1.94
N LEU B 67 15.45 -9.13 3.08
CA LEU B 67 14.42 -10.16 3.16
C LEU B 67 13.09 -9.47 3.17
N PHE B 68 12.12 -10.03 2.45
CA PHE B 68 10.76 -9.54 2.38
C PHE B 68 9.91 -10.79 2.72
N PHE B 69 9.04 -10.71 3.73
CA PHE B 69 8.13 -11.84 4.03
C PHE B 69 6.75 -11.46 4.50
N LEU B 70 5.85 -12.38 4.26
CA LEU B 70 4.47 -12.34 4.60
C LEU B 70 4.11 -13.49 5.55
N THR B 71 3.38 -13.20 6.66
CA THR B 71 3.12 -14.16 7.65
C THR B 71 1.60 -14.52 7.66
N PRO B 72 1.29 -15.73 8.10
CA PRO B 72 -0.12 -16.20 8.08
C PRO B 72 -0.98 -15.57 9.21
N HIS B 73 -0.36 -15.18 10.32
N HIS B 73 -0.33 -15.10 10.28
CA HIS B 73 -0.98 -14.39 11.38
CA HIS B 73 -0.94 -14.42 11.43
C HIS B 73 -0.14 -13.13 11.63
C HIS B 73 -0.14 -13.13 11.61
N ARG B 74 -0.68 -12.18 12.39
CA ARG B 74 -0.03 -10.85 12.58
C ARG B 74 0.91 -10.86 13.79
N HIS B 75 1.93 -10.00 13.73
CA HIS B 75 2.91 -9.80 14.78
C HIS B 75 3.25 -8.30 14.91
N ARG B 76 3.64 -7.90 16.10
CA ARG B 76 4.39 -6.67 16.27
C ARG B 76 5.74 -6.72 15.61
N VAL B 77 6.12 -5.56 15.07
CA VAL B 77 7.42 -5.43 14.50
C VAL B 77 8.49 -5.76 15.54
N SER B 78 8.31 -5.36 16.81
CA SER B 78 9.32 -5.56 17.79
C SER B 78 9.54 -7.07 18.04
N ALA B 79 8.50 -7.86 17.91
CA ALA B 79 8.60 -9.27 18.09
C ALA B 79 9.49 -9.90 16.99
N ILE B 80 9.27 -9.48 15.75
CA ILE B 80 10.05 -10.00 14.63
C ILE B 80 11.54 -9.55 14.82
N ASN B 81 11.72 -8.28 15.16
CA ASN B 81 13.05 -7.76 15.41
C ASN B 81 13.79 -8.46 16.54
N ASN B 82 13.12 -8.60 17.68
CA ASN B 82 13.71 -9.26 18.82
C ASN B 82 14.19 -10.67 18.47
N TYR B 83 13.36 -11.44 17.75
CA TYR B 83 13.78 -12.77 17.30
C TYR B 83 15.02 -12.70 16.41
N ALA B 84 14.98 -11.81 15.42
CA ALA B 84 16.08 -11.70 14.44
C ALA B 84 17.39 -11.23 15.06
N GLN B 85 17.32 -10.27 15.98
CA GLN B 85 18.53 -9.70 16.55
C GLN B 85 19.20 -10.70 17.42
N LYS B 86 18.43 -11.50 18.17
CA LYS B 86 19.09 -12.39 19.14
C LYS B 86 19.74 -13.55 18.48
N LEU B 87 19.40 -13.88 17.25
CA LEU B 87 19.95 -15.10 16.60
C LEU B 87 21.45 -15.02 16.36
N THR B 89 24.62 -12.27 16.93
CA THR B 89 24.97 -11.07 17.62
C THR B 89 26.10 -10.28 17.02
N PHE B 90 26.20 -10.23 15.70
CA PHE B 90 27.22 -9.41 15.02
C PHE B 90 26.58 -8.69 13.85
N SER B 91 27.13 -7.53 13.49
CA SER B 91 26.70 -6.75 12.35
C SER B 91 25.29 -6.17 12.44
N PHE B 92 24.96 -5.33 11.48
CA PHE B 92 23.77 -4.59 11.51
C PHE B 92 22.59 -5.45 11.13
N LEU B 93 21.44 -4.96 11.53
CA LEU B 93 20.16 -5.53 11.13
C LEU B 93 19.04 -4.54 11.35
N ILE B 94 18.38 -4.21 10.28
CA ILE B 94 17.23 -3.26 10.32
C ILE B 94 15.95 -4.05 10.00
N CYS B 95 14.98 -3.95 10.89
CA CYS B 95 13.64 -4.60 10.73
C CYS B 95 12.50 -3.64 10.81
N LYS B 96 11.66 -3.64 9.79
CA LYS B 96 10.54 -2.71 9.68
C LYS B 96 9.32 -3.37 9.08
N GLY B 97 8.20 -2.99 9.58
CA GLY B 97 6.91 -3.40 8.99
C GLY B 97 6.68 -2.74 7.66
N VAL B 98 6.00 -3.44 6.78
CA VAL B 98 5.80 -2.96 5.43
C VAL B 98 4.34 -2.55 5.27
N ASN B 99 4.17 -1.28 4.95
CA ASN B 99 2.78 -0.73 4.69
C ASN B 99 2.34 -1.00 3.26
N LYS B 100 3.23 -0.94 2.29
CA LYS B 100 2.88 -1.03 0.86
C LYS B 100 3.49 -2.32 0.40
N GLU B 101 2.77 -3.45 0.62
CA GLU B 101 3.38 -4.77 0.48
C GLU B 101 3.77 -5.04 -1.00
N TYR B 102 2.86 -4.75 -1.91
CA TYR B 102 3.11 -5.05 -3.36
C TYR B 102 4.24 -4.09 -3.84
N LEU B 103 4.11 -2.82 -3.56
CA LEU B 103 5.09 -1.89 -4.10
C LEU B 103 6.48 -2.27 -3.59
N MET B 104 6.58 -2.57 -2.31
CA MET B 104 7.84 -3.10 -1.74
C MET B 104 8.47 -4.28 -2.45
N TYR B 105 7.73 -5.38 -2.53
CA TYR B 105 8.21 -6.55 -3.23
C TYR B 105 8.56 -6.27 -4.69
N SER B 106 7.71 -5.46 -5.35
CA SER B 106 7.88 -5.21 -6.78
C SER B 106 9.18 -4.40 -6.99
N ALA B 107 9.44 -3.43 -6.12
CA ALA B 107 10.63 -2.62 -6.25
C ALA B 107 11.88 -3.44 -5.97
N LEU B 108 11.75 -4.43 -5.10
CA LEU B 108 12.87 -5.37 -4.74
C LEU B 108 13.23 -6.36 -5.86
N THR B 109 12.43 -6.41 -6.88
CA THR B 109 12.67 -7.14 -8.10
C THR B 109 13.28 -6.42 -9.23
N ARG B 110 13.47 -5.09 -9.12
CA ARG B 110 13.98 -4.29 -10.20
C ARG B 110 15.17 -3.49 -9.76
N ASP B 111 16.03 -3.21 -10.70
CA ASP B 111 17.21 -2.34 -10.48
C ASP B 111 16.92 -1.20 -9.53
N PRO B 112 17.74 -0.95 -8.54
CA PRO B 112 19.03 -1.57 -8.29
C PRO B 112 18.97 -2.96 -7.56
N PHE B 113 17.77 -3.46 -7.32
CA PHE B 113 17.55 -4.68 -6.54
C PHE B 113 17.33 -5.83 -7.48
N SER B 114 17.44 -7.04 -6.91
CA SER B 114 17.11 -8.23 -7.63
C SER B 114 16.79 -9.37 -6.67
N VAL B 115 16.03 -10.34 -7.17
CA VAL B 115 15.71 -11.53 -6.42
C VAL B 115 16.88 -12.50 -6.41
N ILE B 116 17.28 -12.94 -5.24
CA ILE B 116 18.29 -14.00 -5.12
C ILE B 116 17.58 -15.34 -5.05
N GLU B 117 16.65 -15.45 -4.13
CA GLU B 117 15.86 -16.68 -3.98
C GLU B 117 14.51 -16.31 -3.43
N GLU B 118 13.45 -17.10 -3.71
CA GLU B 118 12.17 -16.91 -3.10
C GLU B 118 11.43 -18.21 -2.95
N SER B 119 10.47 -18.20 -2.04
CA SER B 119 9.85 -19.48 -1.59
C SER B 119 8.81 -20.07 -2.54
N LEU B 120 8.32 -19.27 -3.48
CA LEU B 120 7.45 -19.71 -4.58
C LEU B 120 8.06 -19.50 -5.98
N PRO B 121 8.07 -20.55 -6.81
CA PRO B 121 8.64 -20.38 -8.18
C PRO B 121 7.86 -19.33 -8.96
N GLY B 122 8.57 -18.40 -9.57
CA GLY B 122 7.91 -17.28 -10.29
C GLY B 122 7.55 -16.10 -9.40
N GLY B 123 7.66 -16.27 -8.09
CA GLY B 123 7.40 -15.16 -7.18
C GLY B 123 5.96 -14.67 -7.22
N LEU B 124 5.81 -13.37 -6.97
CA LEU B 124 4.52 -12.76 -6.81
C LEU B 124 4.32 -11.74 -7.87
N LYS B 125 3.04 -11.47 -8.14
CA LYS B 125 2.63 -10.49 -9.10
C LYS B 125 1.52 -9.63 -8.47
N GLU B 126 1.22 -8.50 -9.10
CA GLU B 126 0.16 -7.62 -8.60
C GLU B 126 -1.18 -8.31 -8.37
N HIS B 127 -1.56 -9.18 -9.27
CA HIS B 127 -2.75 -10.01 -9.11
C HIS B 127 -2.82 -10.68 -7.73
N ASP B 128 -1.67 -11.15 -7.21
CA ASP B 128 -1.65 -11.84 -5.92
C ASP B 128 -1.95 -10.96 -4.70
N PHE B 129 -1.84 -9.64 -4.85
CA PHE B 129 -2.15 -8.70 -3.74
C PHE B 129 -3.56 -8.07 -3.92
N ASN B 130 -4.33 -8.61 -4.85
CA ASN B 130 -5.74 -8.35 -4.97
C ASN B 130 -6.50 -9.49 -4.24
N PRO B 131 -7.75 -9.22 -3.77
CA PRO B 131 -8.61 -10.29 -3.23
C PRO B 131 -8.73 -11.45 -4.17
N GLU B 132 -8.81 -12.66 -3.61
CA GLU B 132 -8.84 -13.85 -4.45
C GLU B 132 -10.00 -13.86 -5.45
#